data_9F53
#
_entry.id   9F53
#
_cell.length_a   38.100
_cell.length_b   43.968
_cell.length_c   55.948
_cell.angle_alpha   90.000
_cell.angle_beta   94.200
_cell.angle_gamma   90.000
#
_symmetry.space_group_name_H-M   'P 1 21 1'
#
loop_
_entity.id
_entity.type
_entity.pdbx_description
1 polymer 'Heterogeneous nuclear ribonucleoprotein A1, N-terminally processed'
2 non-polymer N-(5-methyl-1H-pyrazol-3-yl)acetamide
3 water water
#
_entity_poly.entity_id   1
_entity_poly.type   'polypeptide(L)'
_entity_poly.pdbx_seq_one_letter_code
;GPMGSKSESPKEPEQLRKLFIGGLSFETTDESLRSHFEQWGTLTDCVVMRDPNTKRSRGFGFVTYATVEEVDAAMNARPH
KVDGRVVEPKRAVSREDSQRPGAHLTVKKIFVGGIKEDTEEHHLRDYFEQYGKIEVIEIMTDRGSGKKRGFAFVTFDDHD
SVDKIVIQKYHTVNGHNCEVRKALSKQEMASASSSQRG
;
_entity_poly.pdbx_strand_id   A
#
loop_
_chem_comp.id
_chem_comp.type
_chem_comp.name
_chem_comp.formula
K3A non-polymer N-(5-methyl-1H-pyrazol-3-yl)acetamide 'C6 H9 N3 O'
#
# COMPACT_ATOMS: atom_id res chain seq x y z
N PRO A 10 -16.58 -15.87 -2.89
CA PRO A 10 -16.36 -14.79 -3.85
C PRO A 10 -14.98 -14.25 -3.56
N LYS A 11 -13.94 -14.84 -4.15
CA LYS A 11 -12.54 -14.45 -3.80
C LYS A 11 -12.18 -13.03 -4.24
N GLU A 12 -11.36 -12.35 -3.44
CA GLU A 12 -10.91 -11.00 -3.84
C GLU A 12 -9.98 -11.18 -5.05
N PRO A 13 -9.91 -10.20 -5.96
CA PRO A 13 -8.98 -10.32 -7.08
C PRO A 13 -7.56 -10.64 -6.65
N GLU A 14 -6.92 -11.55 -7.37
CA GLU A 14 -5.57 -11.99 -7.01
C GLU A 14 -4.61 -10.83 -6.95
N GLN A 15 -4.75 -9.85 -7.86
CA GLN A 15 -3.84 -8.70 -7.87
C GLN A 15 -3.89 -7.95 -6.55
N LEU A 16 -5.03 -7.99 -5.86
CA LEU A 16 -5.14 -7.30 -4.59
C LEU A 16 -4.71 -8.15 -3.41
N ARG A 17 -4.20 -9.37 -3.65
CA ARG A 17 -3.74 -10.27 -2.60
C ARG A 17 -2.25 -10.53 -2.70
N LYS A 18 -1.56 -9.83 -3.60
CA LYS A 18 -0.14 -10.11 -3.88
C LYS A 18 0.77 -9.07 -3.21
N LEU A 19 1.91 -9.53 -2.75
CA LEU A 19 2.92 -8.59 -2.20
C LEU A 19 4.25 -8.76 -2.94
N PHE A 20 4.74 -7.68 -3.54
N PHE A 20 4.75 -7.67 -3.53
CA PHE A 20 6.09 -7.73 -4.16
CA PHE A 20 6.08 -7.74 -4.16
C PHE A 20 7.06 -7.60 -3.01
C PHE A 20 7.09 -7.56 -3.04
N ILE A 21 8.08 -8.47 -2.97
CA ILE A 21 9.08 -8.42 -1.88
C ILE A 21 10.44 -8.08 -2.48
N GLY A 22 10.87 -6.86 -2.24
CA GLY A 22 12.18 -6.42 -2.72
C GLY A 22 13.27 -6.60 -1.66
N GLY A 23 14.51 -6.47 -2.09
CA GLY A 23 15.60 -6.50 -1.14
C GLY A 23 15.91 -7.88 -0.59
N LEU A 24 15.54 -8.94 -1.30
CA LEU A 24 15.77 -10.29 -0.80
C LEU A 24 17.26 -10.59 -0.67
N SER A 25 17.60 -11.39 0.33
CA SER A 25 18.89 -12.05 0.31
C SER A 25 18.95 -12.97 -0.91
N PHE A 26 20.10 -12.98 -1.60
CA PHE A 26 20.25 -13.88 -2.73
C PHE A 26 20.12 -15.35 -2.33
N GLU A 27 20.26 -15.68 -1.04
CA GLU A 27 20.08 -17.07 -0.64
C GLU A 27 18.62 -17.46 -0.38
N THR A 28 17.69 -16.51 -0.34
CA THR A 28 16.27 -16.84 -0.19
C THR A 28 15.74 -17.63 -1.39
N THR A 29 14.95 -18.65 -1.09
CA THR A 29 14.38 -19.56 -2.07
C THR A 29 12.86 -19.47 -2.01
N ASP A 30 12.19 -20.06 -3.02
CA ASP A 30 10.74 -20.21 -2.92
C ASP A 30 10.34 -20.77 -1.57
N GLU A 31 11.07 -21.79 -1.12
CA GLU A 31 10.73 -22.48 0.11
C GLU A 31 10.97 -21.61 1.33
N SER A 32 12.11 -20.91 1.40
CA SER A 32 12.37 -20.13 2.61
C SER A 32 11.51 -18.88 2.65
N LEU A 33 11.21 -18.30 1.49
CA LEU A 33 10.28 -17.18 1.46
C LEU A 33 8.89 -17.62 1.92
N ARG A 34 8.46 -18.80 1.50
CA ARG A 34 7.16 -19.34 1.91
C ARG A 34 7.11 -19.61 3.40
N SER A 35 8.15 -20.29 3.93
CA SER A 35 8.17 -20.56 5.37
C SER A 35 8.06 -19.29 6.17
N HIS A 36 8.71 -18.21 5.71
CA HIS A 36 8.59 -16.96 6.44
C HIS A 36 7.16 -16.42 6.35
N PHE A 37 6.64 -16.22 5.15
CA PHE A 37 5.41 -15.46 5.03
C PHE A 37 4.16 -16.28 5.30
N GLU A 38 4.26 -17.61 5.42
CA GLU A 38 3.10 -18.38 5.83
C GLU A 38 2.70 -18.12 7.27
N GLN A 39 3.55 -17.44 8.05
CA GLN A 39 3.17 -17.09 9.41
C GLN A 39 1.95 -16.17 9.44
N TRP A 40 1.67 -15.43 8.36
CA TRP A 40 0.58 -14.46 8.39
C TRP A 40 -0.59 -14.85 7.48
N GLY A 41 -0.61 -16.06 6.95
CA GLY A 41 -1.76 -16.46 6.17
C GLY A 41 -1.43 -17.59 5.22
N THR A 42 -2.48 -18.04 4.53
CA THR A 42 -2.35 -19.05 3.50
C THR A 42 -1.77 -18.43 2.24
N LEU A 43 -0.66 -18.99 1.74
CA LEU A 43 -0.02 -18.52 0.52
C LEU A 43 -0.44 -19.39 -0.66
N THR A 44 -1.19 -18.81 -1.61
CA THR A 44 -1.52 -19.51 -2.85
C THR A 44 -0.39 -19.45 -3.86
N ASP A 45 0.57 -18.54 -3.70
CA ASP A 45 1.71 -18.44 -4.61
C ASP A 45 2.88 -17.85 -3.85
N CYS A 46 4.10 -18.23 -4.24
CA CYS A 46 5.31 -17.74 -3.57
C CYS A 46 6.48 -18.03 -4.50
N VAL A 47 7.08 -17.00 -5.09
N VAL A 47 7.10 -16.99 -5.05
CA VAL A 47 8.12 -17.23 -6.10
CA VAL A 47 8.10 -17.11 -6.09
C VAL A 47 9.24 -16.20 -5.95
C VAL A 47 9.27 -16.17 -5.80
N VAL A 48 10.48 -16.67 -5.97
CA VAL A 48 11.68 -15.83 -6.04
C VAL A 48 12.06 -15.66 -7.50
N MET A 49 12.21 -14.42 -7.96
CA MET A 49 12.70 -14.19 -9.31
C MET A 49 14.16 -14.53 -9.46
N ARG A 50 14.48 -15.25 -10.53
CA ARG A 50 15.83 -15.71 -10.79
C ARG A 50 16.22 -15.44 -12.23
N ASP A 51 17.53 -15.36 -12.45
CA ASP A 51 18.04 -15.23 -13.81
C ASP A 51 17.72 -16.49 -14.61
N PRO A 52 17.28 -16.37 -15.87
CA PRO A 52 16.90 -17.57 -16.64
C PRO A 52 18.07 -18.46 -16.98
N ASN A 53 19.29 -17.93 -17.05
CA ASN A 53 20.48 -18.70 -17.40
C ASN A 53 21.29 -19.15 -16.18
N THR A 54 21.56 -18.25 -15.23
CA THR A 54 22.42 -18.58 -14.09
C THR A 54 21.66 -19.17 -12.91
N LYS A 55 20.34 -18.97 -12.85
CA LYS A 55 19.51 -19.28 -11.70
C LYS A 55 19.87 -18.44 -10.47
N ARG A 56 20.75 -17.45 -10.62
CA ARG A 56 21.05 -16.57 -9.48
C ARG A 56 19.86 -15.67 -9.22
N SER A 57 19.50 -15.53 -7.95
CA SER A 57 18.40 -14.67 -7.54
C SER A 57 18.53 -13.26 -8.11
N ARG A 58 17.40 -12.69 -8.49
CA ARG A 58 17.32 -11.30 -8.88
C ARG A 58 17.06 -10.40 -7.67
N GLY A 59 16.98 -10.96 -6.46
CA GLY A 59 16.84 -10.12 -5.29
C GLY A 59 15.44 -9.63 -5.00
N PHE A 60 14.47 -10.19 -5.68
CA PHE A 60 13.08 -9.88 -5.31
C PHE A 60 12.18 -11.04 -5.72
N GLY A 61 10.96 -10.95 -5.23
CA GLY A 61 9.97 -11.98 -5.55
C GLY A 61 8.60 -11.51 -5.19
N PHE A 62 7.66 -12.46 -5.10
N PHE A 62 7.67 -12.45 -5.08
CA PHE A 62 6.28 -12.10 -4.70
CA PHE A 62 6.26 -12.10 -4.74
C PHE A 62 5.59 -13.25 -4.01
C PHE A 62 5.59 -13.24 -4.01
N VAL A 63 4.61 -12.90 -3.17
CA VAL A 63 3.84 -13.95 -2.47
C VAL A 63 2.37 -13.54 -2.71
N THR A 64 1.48 -14.51 -2.81
CA THR A 64 0.05 -14.22 -2.93
C THR A 64 -0.68 -14.91 -1.78
N TYR A 65 -1.41 -14.11 -1.01
CA TYR A 65 -2.21 -14.65 0.08
C TYR A 65 -3.59 -15.05 -0.42
N ALA A 66 -4.29 -15.82 0.42
CA ALA A 66 -5.65 -16.22 0.07
C ALA A 66 -6.65 -15.08 0.22
N THR A 67 -6.40 -14.14 1.13
CA THR A 67 -7.32 -13.03 1.37
C THR A 67 -6.57 -11.71 1.57
N VAL A 68 -7.30 -10.61 1.41
CA VAL A 68 -6.72 -9.28 1.65
C VAL A 68 -6.39 -9.09 3.13
N GLU A 69 -7.22 -9.62 4.03
CA GLU A 69 -6.88 -9.50 5.45
C GLU A 69 -5.53 -10.14 5.77
N GLU A 70 -5.17 -11.21 5.05
CA GLU A 70 -3.86 -11.80 5.29
C GLU A 70 -2.75 -10.88 4.79
N VAL A 71 -2.94 -10.21 3.65
CA VAL A 71 -1.99 -9.19 3.21
C VAL A 71 -1.82 -8.14 4.30
N ASP A 72 -2.94 -7.65 4.83
CA ASP A 72 -2.90 -6.68 5.92
C ASP A 72 -2.06 -7.19 7.09
N ALA A 73 -2.30 -8.44 7.47
CA ALA A 73 -1.56 -9.01 8.60
C ALA A 73 -0.07 -9.03 8.33
N ALA A 74 0.31 -9.42 7.12
CA ALA A 74 1.72 -9.45 6.77
C ALA A 74 2.33 -8.05 6.79
N MET A 75 1.64 -7.07 6.21
CA MET A 75 2.17 -5.70 6.29
C MET A 75 2.21 -5.17 7.71
N ASN A 76 1.25 -5.54 8.56
CA ASN A 76 1.30 -5.03 9.92
C ASN A 76 2.44 -5.67 10.72
N ALA A 77 3.02 -6.76 10.23
CA ALA A 77 4.13 -7.43 10.89
C ALA A 77 5.51 -6.98 10.39
N ARG A 78 5.56 -5.99 9.50
CA ARG A 78 6.84 -5.39 9.14
C ARG A 78 7.47 -4.80 10.40
N PRO A 79 8.81 -4.67 10.44
CA PRO A 79 9.78 -5.07 9.42
C PRO A 79 9.96 -6.57 9.39
N HIS A 80 10.07 -7.10 8.18
CA HIS A 80 10.30 -8.52 7.96
C HIS A 80 11.77 -8.75 7.71
N LYS A 81 12.40 -9.58 8.53
CA LYS A 81 13.77 -10.02 8.29
C LYS A 81 13.68 -11.46 7.78
N VAL A 82 14.06 -11.67 6.53
CA VAL A 82 13.88 -12.95 5.86
C VAL A 82 15.28 -13.46 5.53
N ASP A 83 15.62 -14.62 6.08
CA ASP A 83 16.94 -15.19 5.85
C ASP A 83 18.03 -14.18 6.20
N GLY A 84 17.80 -13.43 7.28
CA GLY A 84 18.80 -12.55 7.82
C GLY A 84 18.79 -11.14 7.26
N ARG A 85 17.93 -10.84 6.30
CA ARG A 85 17.93 -9.55 5.63
C ARG A 85 16.56 -8.89 5.77
N VAL A 86 16.54 -7.59 6.13
CA VAL A 86 15.27 -6.86 6.16
C VAL A 86 14.82 -6.60 4.73
N VAL A 87 13.61 -7.05 4.40
CA VAL A 87 13.11 -6.93 3.02
C VAL A 87 12.11 -5.78 2.90
N GLU A 88 11.65 -5.53 1.68
CA GLU A 88 10.75 -4.40 1.41
C GLU A 88 9.49 -4.89 0.72
N PRO A 89 8.43 -5.23 1.47
CA PRO A 89 7.17 -5.64 0.84
C PRO A 89 6.35 -4.44 0.42
N LYS A 90 5.69 -4.57 -0.73
CA LYS A 90 4.77 -3.54 -1.21
C LYS A 90 3.61 -4.24 -1.89
N ARG A 91 2.41 -3.71 -1.73
CA ARG A 91 1.28 -4.25 -2.46
C ARG A 91 1.47 -4.03 -3.95
N ALA A 92 0.97 -4.99 -4.73
CA ALA A 92 1.12 -5.00 -6.18
C ALA A 92 0.51 -3.75 -6.80
N VAL A 93 1.11 -3.29 -7.88
CA VAL A 93 0.51 -2.18 -8.64
C VAL A 93 -0.79 -2.68 -9.25
N SER A 94 -1.92 -2.12 -8.79
CA SER A 94 -3.20 -2.50 -9.34
C SER A 94 -3.78 -1.44 -10.26
N ARG A 95 -3.37 -0.18 -10.11
CA ARG A 95 -3.74 0.90 -11.02
C ARG A 95 -2.44 1.60 -11.41
N GLU A 96 -1.96 1.36 -12.63
CA GLU A 96 -0.66 1.91 -12.98
C GLU A 96 -0.78 3.37 -13.39
N ASP A 97 0.36 4.04 -13.40
CA ASP A 97 0.50 5.33 -14.06
C ASP A 97 0.87 5.02 -15.50
N SER A 98 -0.02 5.38 -16.44
CA SER A 98 0.16 4.99 -17.84
C SER A 98 1.54 5.36 -18.37
N GLN A 99 2.13 6.44 -17.84
CA GLN A 99 3.45 6.88 -18.27
C GLN A 99 4.57 6.03 -17.68
N ARG A 100 4.35 5.33 -16.56
CA ARG A 100 5.38 4.52 -15.92
C ARG A 100 4.80 3.13 -15.66
N PRO A 101 4.63 2.32 -16.71
CA PRO A 101 3.89 1.07 -16.56
C PRO A 101 4.55 0.13 -15.57
N GLY A 102 3.75 -0.38 -14.64
CA GLY A 102 4.23 -1.37 -13.69
C GLY A 102 5.05 -0.82 -12.55
N ALA A 103 5.22 0.50 -12.45
CA ALA A 103 6.04 1.10 -11.40
C ALA A 103 5.16 1.48 -10.21
N HIS A 104 5.62 1.13 -9.01
CA HIS A 104 4.93 1.52 -7.77
C HIS A 104 5.31 2.95 -7.43
N LEU A 105 4.31 3.80 -7.25
CA LEU A 105 4.53 5.17 -6.76
C LEU A 105 4.46 5.12 -5.25
N THR A 106 5.63 5.03 -4.60
CA THR A 106 5.68 4.79 -3.16
C THR A 106 5.68 6.11 -2.40
N VAL A 107 4.50 6.58 -2.02
CA VAL A 107 4.37 7.86 -1.33
C VAL A 107 3.55 7.66 -0.06
N LYS A 108 3.68 8.63 0.85
CA LYS A 108 2.99 8.61 2.14
C LYS A 108 1.85 9.62 2.22
N LYS A 109 1.52 10.29 1.13
CA LYS A 109 0.58 11.41 1.16
C LYS A 109 -0.53 11.18 0.15
N ILE A 110 -1.76 11.54 0.53
CA ILE A 110 -2.91 11.48 -0.36
C ILE A 110 -3.53 12.86 -0.52
N PHE A 111 -4.07 13.08 -1.71
CA PHE A 111 -5.04 14.11 -2.02
C PHE A 111 -6.45 13.58 -1.73
N VAL A 112 -7.27 14.40 -1.08
CA VAL A 112 -8.66 14.07 -0.74
C VAL A 112 -9.52 15.20 -1.27
N GLY A 113 -10.29 14.94 -2.33
CA GLY A 113 -11.12 15.98 -2.92
C GLY A 113 -12.60 15.77 -2.72
N GLY A 114 -13.38 16.84 -2.90
CA GLY A 114 -14.82 16.74 -2.78
C GLY A 114 -15.35 16.81 -1.38
N ILE A 115 -14.58 17.38 -0.44
CA ILE A 115 -15.01 17.49 0.93
C ILE A 115 -15.78 18.77 1.22
N LYS A 116 -15.90 19.67 0.23
CA LYS A 116 -16.67 20.92 0.38
C LYS A 116 -16.15 21.78 1.53
N GLU A 117 -16.98 22.70 2.03
CA GLU A 117 -16.56 23.64 3.05
C GLU A 117 -16.90 23.19 4.47
N ASP A 118 -17.69 22.13 4.65
CA ASP A 118 -18.09 21.72 5.99
C ASP A 118 -17.23 20.59 6.56
N THR A 119 -16.23 20.11 5.85
CA THR A 119 -15.41 19.01 6.34
C THR A 119 -14.24 19.58 7.13
N GLU A 120 -14.07 19.08 8.35
CA GLU A 120 -13.05 19.58 9.26
C GLU A 120 -12.00 18.50 9.51
N GLU A 121 -11.01 18.86 10.32
CA GLU A 121 -9.86 17.98 10.55
C GLU A 121 -10.28 16.67 11.20
N HIS A 122 -11.18 16.74 12.18
CA HIS A 122 -11.53 15.52 12.90
C HIS A 122 -12.32 14.56 12.02
N HIS A 123 -13.06 15.07 11.03
CA HIS A 123 -13.74 14.17 10.10
C HIS A 123 -12.73 13.32 9.35
N LEU A 124 -11.68 13.96 8.84
CA LEU A 124 -10.67 13.24 8.09
C LEU A 124 -9.86 12.33 8.99
N ARG A 125 -9.49 12.82 10.19
CA ARG A 125 -8.70 11.99 11.10
C ARG A 125 -9.47 10.74 11.50
N ASP A 126 -10.73 10.89 11.90
CA ASP A 126 -11.49 9.75 12.41
C ASP A 126 -11.61 8.67 11.35
N TYR A 127 -11.75 9.06 10.10
CA TYR A 127 -11.83 8.11 8.99
C TYR A 127 -10.47 7.52 8.64
N PHE A 128 -9.48 8.37 8.35
CA PHE A 128 -8.23 7.86 7.79
C PHE A 128 -7.31 7.23 8.83
N GLU A 129 -7.50 7.53 10.12
CA GLU A 129 -6.63 6.92 11.13
C GLU A 129 -6.77 5.40 11.16
N GLN A 130 -7.86 4.87 10.61
CA GLN A 130 -8.00 3.41 10.54
C GLN A 130 -7.25 2.79 9.39
N TYR A 131 -6.65 3.61 8.51
CA TYR A 131 -5.75 3.10 7.48
C TYR A 131 -4.29 3.13 7.89
N GLY A 132 -3.96 4.02 8.81
CA GLY A 132 -2.55 4.15 9.19
C GLY A 132 -2.34 5.31 10.15
N LYS A 133 -1.08 5.50 10.53
CA LYS A 133 -0.75 6.55 11.51
C LYS A 133 -0.61 7.86 10.75
N ILE A 134 -1.44 8.82 11.15
CA ILE A 134 -1.42 10.12 10.47
C ILE A 134 -0.39 11.04 11.10
N GLU A 135 0.38 11.69 10.24
CA GLU A 135 1.30 12.71 10.70
C GLU A 135 0.84 14.13 10.41
N VAL A 136 0.22 14.38 9.26
CA VAL A 136 -0.20 15.73 8.87
C VAL A 136 -1.58 15.67 8.23
N ILE A 137 -2.45 16.60 8.60
CA ILE A 137 -3.70 16.81 7.88
C ILE A 137 -3.72 18.27 7.47
N GLU A 138 -3.84 18.53 6.17
CA GLU A 138 -3.81 19.90 5.64
C GLU A 138 -5.11 20.17 4.89
N ILE A 139 -6.04 20.86 5.54
CA ILE A 139 -7.27 21.30 4.88
C ILE A 139 -6.95 22.58 4.11
N MET A 140 -7.17 22.55 2.80
CA MET A 140 -6.73 23.67 1.97
C MET A 140 -7.73 24.82 2.00
N THR A 141 -7.19 26.02 2.09
CA THR A 141 -8.00 27.24 2.17
C THR A 141 -7.49 28.23 1.14
N ASP A 142 -8.37 29.15 0.78
CA ASP A 142 -8.04 30.12 -0.26
C ASP A 142 -7.01 31.12 0.26
N ARG A 143 -5.95 31.33 -0.54
CA ARG A 143 -4.86 32.22 -0.14
C ARG A 143 -5.34 33.66 0.10
N GLY A 144 -6.40 34.08 -0.57
CA GLY A 144 -6.89 35.44 -0.39
C GLY A 144 -7.94 35.63 0.68
N SER A 145 -8.90 34.72 0.72
CA SER A 145 -10.07 34.84 1.58
C SER A 145 -10.05 33.93 2.79
N GLY A 146 -9.22 32.88 2.79
CA GLY A 146 -9.26 31.94 3.89
C GLY A 146 -10.38 30.93 3.82
N LYS A 147 -11.24 31.01 2.81
CA LYS A 147 -12.35 30.08 2.70
C LYS A 147 -11.83 28.69 2.33
N LYS A 148 -12.50 27.66 2.84
CA LYS A 148 -12.10 26.30 2.50
C LYS A 148 -12.33 26.03 1.01
N ARG A 149 -11.38 25.35 0.39
CA ARG A 149 -11.44 25.09 -1.04
C ARG A 149 -12.05 23.74 -1.38
N GLY A 150 -12.31 22.91 -0.38
CA GLY A 150 -12.96 21.63 -0.62
C GLY A 150 -12.01 20.49 -0.92
N PHE A 151 -10.76 20.58 -0.52
CA PHE A 151 -9.87 19.42 -0.62
C PHE A 151 -8.80 19.54 0.46
N ALA A 152 -8.07 18.44 0.65
CA ALA A 152 -7.13 18.33 1.76
C ALA A 152 -6.04 17.34 1.38
N PHE A 153 -4.94 17.38 2.13
CA PHE A 153 -3.89 16.38 2.02
C PHE A 153 -3.69 15.71 3.37
N VAL A 154 -3.53 14.40 3.37
CA VAL A 154 -3.26 13.65 4.59
C VAL A 154 -1.92 12.94 4.40
N THR A 155 -1.01 13.12 5.34
CA THR A 155 0.29 12.47 5.30
C THR A 155 0.39 11.43 6.39
N PHE A 156 0.76 10.20 6.01
CA PHE A 156 0.90 9.09 6.93
C PHE A 156 2.36 8.81 7.21
N ASP A 157 2.59 7.95 8.18
CA ASP A 157 3.99 7.63 8.47
C ASP A 157 4.54 6.51 7.60
N ASP A 158 3.74 6.00 6.67
CA ASP A 158 4.16 4.83 5.92
C ASP A 158 3.30 4.69 4.67
N HIS A 159 3.89 4.11 3.62
CA HIS A 159 3.23 4.06 2.32
C HIS A 159 2.08 3.05 2.25
N ASP A 160 2.03 2.05 3.14
CA ASP A 160 1.02 1.01 2.93
C ASP A 160 -0.38 1.53 3.23
N SER A 161 -0.51 2.44 4.19
N SER A 161 -0.48 2.49 4.14
CA SER A 161 -1.76 3.15 4.39
CA SER A 161 -1.76 3.15 4.39
C SER A 161 -2.30 3.71 3.08
C SER A 161 -2.31 3.75 3.11
N VAL A 162 -1.46 4.45 2.37
CA VAL A 162 -1.85 5.05 1.08
C VAL A 162 -2.25 3.97 0.08
N ASP A 163 -1.44 2.91 -0.02
CA ASP A 163 -1.76 1.82 -0.94
C ASP A 163 -3.12 1.19 -0.61
N LYS A 164 -3.40 0.96 0.68
CA LYS A 164 -4.72 0.45 1.05
C LYS A 164 -5.82 1.42 0.65
N ILE A 165 -5.56 2.72 0.83
CA ILE A 165 -6.59 3.70 0.54
C ILE A 165 -6.91 3.74 -0.94
N VAL A 166 -5.88 3.83 -1.79
CA VAL A 166 -6.18 4.08 -3.20
C VAL A 166 -6.71 2.86 -3.94
N ILE A 167 -6.59 1.65 -3.38
CA ILE A 167 -7.20 0.50 -4.06
C ILE A 167 -8.68 0.35 -3.75
N GLN A 168 -9.22 1.07 -2.78
CA GLN A 168 -10.67 1.08 -2.57
C GLN A 168 -11.40 1.80 -3.69
N LYS A 169 -12.60 1.31 -4.04
CA LYS A 169 -13.41 2.05 -5.03
C LYS A 169 -14.00 3.34 -4.47
N TYR A 170 -14.31 3.40 -3.18
CA TYR A 170 -15.07 4.51 -2.61
C TYR A 170 -14.47 4.98 -1.30
N HIS A 171 -14.64 6.27 -1.02
CA HIS A 171 -14.34 6.82 0.30
C HIS A 171 -15.44 7.81 0.65
N THR A 172 -16.11 7.56 1.77
CA THR A 172 -17.19 8.40 2.27
C THR A 172 -16.73 9.07 3.55
N VAL A 173 -16.66 10.40 3.54
CA VAL A 173 -16.15 11.18 4.65
C VAL A 173 -17.10 12.34 4.87
N ASN A 174 -17.66 12.44 6.09
CA ASN A 174 -18.58 13.52 6.42
C ASN A 174 -19.77 13.54 5.45
N GLY A 175 -20.21 12.35 5.07
CA GLY A 175 -21.27 12.17 4.10
C GLY A 175 -20.91 12.48 2.66
N HIS A 176 -19.67 12.88 2.37
CA HIS A 176 -19.28 13.20 1.01
C HIS A 176 -18.65 11.99 0.36
N ASN A 177 -18.95 11.77 -0.92
CA ASN A 177 -18.23 10.81 -1.75
C ASN A 177 -16.95 11.47 -2.25
N CYS A 178 -15.80 11.02 -1.74
CA CYS A 178 -14.55 11.74 -1.95
C CYS A 178 -13.73 11.12 -3.08
N GLU A 179 -12.93 11.96 -3.74
CA GLU A 179 -11.95 11.50 -4.70
C GLU A 179 -10.60 11.46 -4.00
N VAL A 180 -9.94 10.29 -3.99
CA VAL A 180 -8.69 10.15 -3.26
C VAL A 180 -7.63 9.63 -4.22
N ARG A 181 -6.46 10.25 -4.20
CA ARG A 181 -5.39 9.78 -5.05
C ARG A 181 -4.04 10.01 -4.37
N LYS A 182 -3.01 9.32 -4.86
CA LYS A 182 -1.68 9.53 -4.35
C LYS A 182 -1.23 10.95 -4.67
N ALA A 183 -0.53 11.58 -3.73
CA ALA A 183 -0.10 12.97 -3.88
C ALA A 183 1.42 13.08 -3.90
N LEU A 184 1.91 14.00 -4.75
CA LEU A 184 3.32 14.40 -4.85
C LEU A 184 4.23 13.20 -4.99
N1 K3A B . -2.29 -0.08 -6.55
C4 K3A B . -1.25 0.02 -5.73
C5 K3A B . -1.21 -0.73 -4.43
N K3A B . -0.28 2.20 -8.40
C K3A B . 1.16 3.81 -9.45
O K3A B . 1.54 2.92 -7.27
C1 K3A B . 0.85 2.95 -8.27
C2 K3A B . -0.82 1.33 -7.47
C3 K3A B . -0.30 0.90 -6.27
N2 K3A B . -2.02 0.73 -7.61
#